data_8FUQ
#
_entry.id   8FUQ
#
_cell.length_a   67.050
_cell.length_b   44.097
_cell.length_c   111.787
_cell.angle_alpha   90.000
_cell.angle_beta   100.440
_cell.angle_gamma   90.000
#
_symmetry.space_group_name_H-M   'I 1 2 1'
#
loop_
_entity.id
_entity.type
_entity.pdbx_description
1 polymer Phosphoprotein
2 water water
#
_entity_poly.entity_id   1
_entity_poly.type   'polypeptide(L)'
_entity_poly.pdbx_seq_one_letter_code
;SKRLHLDDEKSSNLGEMVRVGEGKYREDFQMDEGEDPNLLFQSYLDNVGVQIVRQMRSGERFLKIWSQTVEEIVSYVTVN
FPNPPRRSSEDKSTQTTGRELKKETTSAFSQRESQPSKA
;
_entity_poly.pdbx_strand_id   A,B,C,D,E,F
#
# COMPACT_ATOMS: atom_id res chain seq x y z
N GLU A 35 17.35 -3.11 -21.48
CA GLU A 35 16.25 -2.18 -21.84
C GLU A 35 16.10 -1.13 -20.73
N ASP A 36 15.63 0.05 -21.07
CA ASP A 36 15.61 1.19 -20.12
C ASP A 36 14.66 0.88 -18.95
N PRO A 37 15.12 1.08 -17.70
CA PRO A 37 14.30 0.83 -16.53
C PRO A 37 13.07 1.75 -16.53
N ASN A 38 13.23 2.96 -17.09
CA ASN A 38 12.10 3.90 -17.08
C ASN A 38 11.07 3.49 -18.13
N LEU A 39 11.49 3.02 -19.29
CA LEU A 39 10.50 2.48 -20.26
C LEU A 39 9.70 1.36 -19.58
N LEU A 40 10.40 0.48 -18.89
CA LEU A 40 9.73 -0.67 -18.25
C LEU A 40 8.74 -0.15 -17.20
N PHE A 41 9.16 0.79 -16.37
CA PHE A 41 8.26 1.30 -15.35
C PHE A 41 7.08 2.01 -16.01
N GLN A 42 7.32 2.76 -17.06
CA GLN A 42 6.20 3.52 -17.66
C GLN A 42 5.20 2.50 -18.24
N SER A 43 5.69 1.40 -18.83
CA SER A 43 4.78 0.42 -19.40
CA SER A 43 4.80 0.41 -19.40
C SER A 43 4.00 -0.29 -18.30
N TYR A 44 4.63 -0.55 -17.16
CA TYR A 44 3.92 -1.05 -15.99
C TYR A 44 2.80 -0.08 -15.56
N LEU A 45 3.10 1.22 -15.51
CA LEU A 45 2.09 2.22 -15.11
C LEU A 45 0.92 2.32 -16.10
N ASP A 46 1.21 2.20 -17.40
CA ASP A 46 0.15 2.13 -18.40
C ASP A 46 -0.85 1.04 -18.05
N ASN A 47 -0.34 -0.17 -17.82
CA ASN A 47 -1.20 -1.27 -17.46
C ASN A 47 -1.95 -0.99 -16.16
N VAL A 48 -1.28 -0.32 -15.20
CA VAL A 48 -1.90 0.00 -13.92
C VAL A 48 -3.12 0.87 -14.17
N GLY A 49 -2.97 1.85 -15.06
CA GLY A 49 -4.09 2.70 -15.40
C GLY A 49 -5.29 1.93 -15.94
N VAL A 50 -5.04 0.95 -16.83
CA VAL A 50 -6.14 0.09 -17.33
C VAL A 50 -6.85 -0.59 -16.16
N GLN A 51 -6.10 -1.16 -15.23
CA GLN A 51 -6.72 -1.86 -14.08
C GLN A 51 -7.62 -0.88 -13.32
N ILE A 52 -7.17 0.35 -13.11
CA ILE A 52 -7.95 1.36 -12.36
C ILE A 52 -9.24 1.66 -13.13
N VAL A 53 -9.16 1.87 -14.45
CA VAL A 53 -10.36 2.19 -15.29
C VAL A 53 -11.36 1.04 -15.15
N ARG A 54 -10.86 -0.19 -15.21
CA ARG A 54 -11.72 -1.39 -15.15
C ARG A 54 -12.41 -1.45 -13.78
N GLN A 55 -11.68 -1.18 -12.70
CA GLN A 55 -12.24 -1.25 -11.34
C GLN A 55 -13.26 -0.12 -11.13
N MET A 56 -12.98 1.08 -11.61
CA MET A 56 -13.93 2.22 -11.48
C MET A 56 -15.23 1.86 -12.21
N ARG A 57 -15.14 1.29 -13.42
CA ARG A 57 -16.33 0.88 -14.21
C ARG A 57 -17.16 -0.13 -13.39
N SER A 58 -16.52 -0.96 -12.57
CA SER A 58 -17.22 -1.96 -11.71
C SER A 58 -17.87 -1.31 -10.50
N GLY A 59 -17.64 -0.02 -10.26
CA GLY A 59 -18.32 0.73 -9.19
C GLY A 59 -17.56 0.77 -7.88
N GLU A 60 -16.31 0.30 -7.85
CA GLU A 60 -15.45 0.37 -6.65
C GLU A 60 -15.06 1.82 -6.36
N ARG A 61 -14.94 2.18 -5.08
CA ARG A 61 -14.55 3.55 -4.66
C ARG A 61 -13.08 3.76 -4.99
N PHE A 62 -12.71 4.95 -5.44
CA PHE A 62 -11.32 5.24 -5.92
C PHE A 62 -10.27 5.01 -4.84
N LEU A 63 -10.51 5.44 -3.60
CA LEU A 63 -9.51 5.31 -2.51
C LEU A 63 -9.20 3.82 -2.33
N LYS A 64 -10.24 2.98 -2.42
CA LYS A 64 -10.05 1.52 -2.24
C LYS A 64 -9.15 1.00 -3.37
N ILE A 65 -9.49 1.32 -4.61
CA ILE A 65 -8.70 0.86 -5.79
C ILE A 65 -7.29 1.43 -5.67
N TRP A 66 -7.19 2.72 -5.42
CA TRP A 66 -5.89 3.42 -5.40
C TRP A 66 -4.99 2.85 -4.32
N SER A 67 -5.52 2.54 -3.15
CA SER A 67 -4.72 2.03 -2.01
C SER A 67 -4.08 0.69 -2.41
N GLN A 68 -4.80 -0.15 -3.13
CA GLN A 68 -4.26 -1.44 -3.63
C GLN A 68 -3.19 -1.12 -4.69
N THR A 69 -3.49 -0.16 -5.57
CA THR A 69 -2.54 0.17 -6.59
C THR A 69 -1.23 0.73 -6.00
N VAL A 70 -1.34 1.51 -4.94
CA VAL A 70 -0.15 2.10 -4.31
C VAL A 70 0.77 0.99 -3.82
N GLU A 71 0.17 -0.02 -3.21
CA GLU A 71 0.92 -1.18 -2.71
C GLU A 71 1.70 -1.80 -3.86
N GLU A 72 1.06 -1.98 -5.01
CA GLU A 72 1.73 -2.63 -6.15
C GLU A 72 2.88 -1.78 -6.70
N ILE A 73 2.67 -0.44 -6.79
CA ILE A 73 3.67 0.42 -7.36
C ILE A 73 4.87 0.46 -6.45
N VAL A 74 4.63 0.53 -5.15
CA VAL A 74 5.70 0.58 -4.13
C VAL A 74 6.47 -0.74 -4.19
N SER A 75 5.75 -1.86 -4.37
CA SER A 75 6.45 -3.16 -4.50
C SER A 75 7.33 -3.20 -5.76
N TYR A 76 6.77 -2.74 -6.89
CA TYR A 76 7.52 -2.64 -8.15
C TYR A 76 8.82 -1.88 -7.97
N VAL A 77 8.77 -0.68 -7.36
CA VAL A 77 9.95 0.22 -7.20
C VAL A 77 10.93 -0.39 -6.20
N THR A 78 10.42 -0.98 -5.14
CA THR A 78 11.23 -1.63 -4.08
C THR A 78 12.14 -2.71 -4.71
N VAL A 79 11.65 -3.45 -5.70
CA VAL A 79 12.46 -4.51 -6.34
C VAL A 79 13.18 -4.13 -7.65
N ASN A 80 12.77 -3.07 -8.35
CA ASN A 80 13.42 -2.66 -9.59
C ASN A 80 14.37 -1.48 -9.46
N PHE A 81 14.36 -0.74 -8.36
CA PHE A 81 15.31 0.37 -8.18
C PHE A 81 16.08 0.20 -6.88
N PRO A 82 17.37 0.58 -6.89
CA PRO A 82 18.17 0.49 -5.71
C PRO A 82 17.55 1.28 -4.56
N ASN A 83 17.75 0.82 -3.33
CA ASN A 83 17.25 1.53 -2.13
C ASN A 83 17.76 2.96 -2.19
N PRO A 84 16.89 3.98 -2.05
CA PRO A 84 17.32 5.37 -2.19
C PRO A 84 18.23 5.78 -1.04
N PRO A 85 19.13 6.76 -1.25
CA PRO A 85 20.11 7.12 -0.22
C PRO A 85 19.46 7.70 1.06
N GLU B 35 12.87 2.84 6.71
CA GLU B 35 12.30 2.86 5.34
C GLU B 35 11.96 4.29 4.93
N ASP B 36 12.77 5.29 5.27
CA ASP B 36 12.35 6.69 5.06
C ASP B 36 12.07 6.94 3.58
N PRO B 37 13.02 6.72 2.65
CA PRO B 37 12.81 7.02 1.24
C PRO B 37 11.65 6.22 0.64
N ASN B 38 11.52 4.95 1.04
CA ASN B 38 10.43 4.06 0.57
C ASN B 38 9.09 4.51 1.17
N LEU B 39 9.09 4.94 2.43
CA LEU B 39 7.87 5.45 3.11
C LEU B 39 7.56 6.83 2.55
N LEU B 40 8.57 7.66 2.27
CA LEU B 40 8.36 8.99 1.67
C LEU B 40 7.69 8.79 0.30
N PHE B 41 8.09 7.76 -0.43
CA PHE B 41 7.54 7.47 -1.78
C PHE B 41 6.08 7.05 -1.62
N GLN B 42 5.78 6.16 -0.67
CA GLN B 42 4.39 5.68 -0.46
C GLN B 42 3.49 6.84 0.00
N SER B 43 4.00 7.74 0.85
CA SER B 43 3.25 8.94 1.30
C SER B 43 2.96 9.81 0.08
N TYR B 44 3.95 9.99 -0.78
CA TYR B 44 3.80 10.77 -2.02
C TYR B 44 2.67 10.18 -2.85
N LEU B 45 2.67 8.86 -3.05
CA LEU B 45 1.65 8.27 -3.92
C LEU B 45 0.29 8.30 -3.30
N ASP B 46 0.20 8.11 -1.98
CA ASP B 46 -1.12 8.23 -1.34
C ASP B 46 -1.65 9.65 -1.60
N ASN B 47 -0.78 10.66 -1.44
CA ASN B 47 -1.24 12.04 -1.66
C ASN B 47 -1.63 12.27 -3.13
N VAL B 48 -0.96 11.58 -4.04
CA VAL B 48 -1.25 11.68 -5.49
C VAL B 48 -2.67 11.16 -5.68
N GLY B 49 -3.05 10.12 -4.94
CA GLY B 49 -4.42 9.58 -4.99
C GLY B 49 -5.47 10.64 -4.67
N VAL B 50 -5.23 11.42 -3.61
CA VAL B 50 -6.20 12.48 -3.19
C VAL B 50 -6.30 13.52 -4.32
N GLN B 51 -5.18 13.91 -4.92
CA GLN B 51 -5.16 14.89 -6.02
C GLN B 51 -6.02 14.34 -7.15
N ILE B 52 -5.85 13.08 -7.52
CA ILE B 52 -6.58 12.45 -8.65
C ILE B 52 -8.08 12.52 -8.33
N VAL B 53 -8.49 12.11 -7.14
CA VAL B 53 -9.94 12.07 -6.80
C VAL B 53 -10.50 13.50 -6.78
N ARG B 54 -9.71 14.44 -6.33
CA ARG B 54 -10.19 15.87 -6.26
CA ARG B 54 -10.19 15.87 -6.26
C ARG B 54 -10.41 16.39 -7.69
N GLN B 55 -9.50 16.05 -8.59
CA GLN B 55 -9.60 16.45 -10.01
C GLN B 55 -10.83 15.78 -10.64
N MET B 56 -11.07 14.50 -10.35
CA MET B 56 -12.20 13.74 -10.93
C MET B 56 -13.51 14.27 -10.32
N ARG B 57 -13.49 14.61 -9.03
CA ARG B 57 -14.68 15.22 -8.37
C ARG B 57 -14.86 16.64 -8.92
N SER B 58 -13.82 17.19 -9.58
CA SER B 58 -13.86 18.54 -10.21
C SER B 58 -14.33 18.43 -11.66
N GLY B 59 -14.58 17.22 -12.16
CA GLY B 59 -15.15 17.01 -13.51
C GLY B 59 -14.17 16.41 -14.51
N GLU B 60 -12.91 16.19 -14.12
CA GLU B 60 -11.88 15.69 -15.05
C GLU B 60 -11.99 14.18 -15.20
N ARG B 61 -11.58 13.64 -16.35
CA ARG B 61 -11.62 12.18 -16.65
C ARG B 61 -10.33 11.52 -16.18
N PHE B 62 -10.40 10.32 -15.63
CA PHE B 62 -9.23 9.63 -15.04
C PHE B 62 -8.07 9.53 -16.03
N LEU B 63 -8.28 8.97 -17.22
CA LEU B 63 -7.22 8.71 -18.21
C LEU B 63 -6.56 10.04 -18.62
N LYS B 64 -7.27 11.15 -18.61
CA LYS B 64 -6.66 12.49 -18.88
C LYS B 64 -5.72 12.83 -17.74
N ILE B 65 -6.18 12.65 -16.50
CA ILE B 65 -5.34 12.90 -15.30
C ILE B 65 -4.15 11.95 -15.35
N TRP B 66 -4.37 10.66 -15.65
CA TRP B 66 -3.33 9.60 -15.64
C TRP B 66 -2.19 9.91 -16.63
N SER B 67 -2.50 10.52 -17.75
CA SER B 67 -1.50 10.88 -18.78
C SER B 67 -0.43 11.76 -18.14
N GLN B 68 -0.83 12.61 -17.21
CA GLN B 68 0.10 13.52 -16.51
C GLN B 68 0.65 12.83 -15.25
N THR B 69 -0.17 12.08 -14.52
CA THR B 69 0.26 11.45 -13.24
C THR B 69 1.39 10.44 -13.48
N VAL B 70 1.28 9.63 -14.52
CA VAL B 70 2.31 8.58 -14.82
C VAL B 70 3.66 9.27 -15.03
N GLU B 71 3.66 10.42 -15.70
CA GLU B 71 4.91 11.17 -16.00
C GLU B 71 5.46 11.72 -14.69
N GLU B 72 4.61 12.24 -13.81
CA GLU B 72 5.04 12.76 -12.49
C GLU B 72 5.58 11.62 -11.60
N ILE B 73 5.00 10.42 -11.68
CA ILE B 73 5.43 9.25 -10.85
C ILE B 73 6.79 8.75 -11.37
N VAL B 74 6.93 8.64 -12.68
CA VAL B 74 8.20 8.19 -13.31
C VAL B 74 9.29 9.19 -12.96
N SER B 75 8.99 10.49 -13.02
CA SER B 75 9.94 11.57 -12.67
C SER B 75 10.36 11.44 -11.21
N TYR B 76 9.41 11.31 -10.29
CA TYR B 76 9.71 11.11 -8.85
C TYR B 76 10.75 10.00 -8.67
N VAL B 77 10.52 8.82 -9.23
CA VAL B 77 11.45 7.66 -9.06
C VAL B 77 12.80 7.94 -9.74
N THR B 78 12.80 8.56 -10.92
CA THR B 78 14.05 8.84 -11.69
C THR B 78 14.94 9.77 -10.87
N VAL B 79 14.35 10.75 -10.22
CA VAL B 79 15.09 11.78 -9.44
C VAL B 79 15.46 11.29 -8.04
N ASN B 80 14.52 10.67 -7.31
CA ASN B 80 14.72 10.33 -5.87
C ASN B 80 15.36 8.96 -5.64
N PHE B 81 15.37 8.08 -6.63
CA PHE B 81 15.97 6.74 -6.50
C PHE B 81 17.17 6.67 -7.45
N PRO B 82 18.26 5.99 -7.08
CA PRO B 82 19.36 5.77 -8.00
C PRO B 82 18.89 4.98 -9.23
N ASN B 83 19.56 5.12 -10.37
CA ASN B 83 19.26 4.32 -11.58
C ASN B 83 19.67 2.88 -11.27
N PRO B 84 18.93 1.89 -11.76
CA PRO B 84 19.31 0.49 -11.53
C PRO B 84 20.61 0.17 -12.19
N PRO B 85 21.41 -0.72 -11.61
CA PRO B 85 22.70 -1.02 -12.22
C PRO B 85 22.61 -2.23 -13.14
N GLY C 34 -32.47 18.51 22.59
CA GLY C 34 -31.66 17.30 22.39
C GLY C 34 -30.21 17.38 22.90
N GLU C 35 -29.49 16.25 22.83
CA GLU C 35 -28.08 16.18 23.22
C GLU C 35 -27.18 17.00 22.29
N ASP C 36 -26.08 17.51 22.85
CA ASP C 36 -25.15 18.35 22.12
C ASP C 36 -24.65 17.63 20.87
N PRO C 37 -24.87 18.17 19.65
CA PRO C 37 -24.52 17.44 18.43
C PRO C 37 -23.02 17.06 18.35
N ASN C 38 -22.14 17.87 18.91
CA ASN C 38 -20.68 17.62 18.86
C ASN C 38 -20.34 16.46 19.82
N LEU C 39 -21.06 16.30 20.92
CA LEU C 39 -20.83 15.13 21.76
C LEU C 39 -21.35 13.84 21.11
N LEU C 40 -22.54 13.90 20.53
CA LEU C 40 -23.03 12.75 19.76
C LEU C 40 -22.04 12.38 18.64
N PHE C 41 -21.59 13.36 17.87
CA PHE C 41 -20.66 13.11 16.73
C PHE C 41 -19.35 12.54 17.27
N GLN C 42 -18.79 13.16 18.31
CA GLN C 42 -17.57 12.64 18.94
C GLN C 42 -17.70 11.20 19.39
N SER C 43 -18.84 10.83 20.02
CA SER C 43 -19.02 9.47 20.57
C SER C 43 -19.16 8.49 19.42
N TYR C 44 -19.85 8.93 18.36
CA TYR C 44 -19.94 8.10 17.18
C TYR C 44 -18.54 7.86 16.57
N LEU C 45 -17.73 8.93 16.40
CA LEU C 45 -16.38 8.78 15.80
C LEU C 45 -15.51 7.94 16.71
N ASP C 46 -15.70 8.08 18.05
CA ASP C 46 -14.92 7.25 18.97
C ASP C 46 -15.20 5.78 18.70
N ASN C 47 -16.44 5.40 18.49
CA ASN C 47 -16.81 3.97 18.23
C ASN C 47 -16.33 3.55 16.85
N VAL C 48 -16.39 4.43 15.87
CA VAL C 48 -15.89 4.12 14.50
C VAL C 48 -14.42 3.67 14.59
N GLY C 49 -13.60 4.37 15.38
CA GLY C 49 -12.17 4.04 15.52
C GLY C 49 -11.95 2.63 16.06
N VAL C 50 -12.75 2.22 17.05
CA VAL C 50 -12.64 0.85 17.64
C VAL C 50 -12.93 -0.17 16.53
N GLN C 51 -13.93 0.09 15.69
CA GLN C 51 -14.31 -0.82 14.57
C GLN C 51 -13.12 -0.89 13.59
N ILE C 52 -12.51 0.24 13.29
CA ILE C 52 -11.35 0.30 12.34
C ILE C 52 -10.26 -0.65 12.83
N VAL C 53 -9.86 -0.54 14.09
CA VAL C 53 -8.76 -1.38 14.67
C VAL C 53 -9.16 -2.86 14.56
N ARG C 54 -10.40 -3.20 14.90
CA ARG C 54 -10.90 -4.60 14.78
C ARG C 54 -10.75 -5.08 13.34
N GLN C 55 -11.20 -4.29 12.37
CA GLN C 55 -11.15 -4.71 10.95
C GLN C 55 -9.70 -4.87 10.50
N MET C 56 -8.83 -3.97 10.96
CA MET C 56 -7.39 -3.99 10.61
C MET C 56 -6.75 -5.27 11.12
N ARG C 57 -7.03 -5.62 12.36
CA ARG C 57 -6.48 -6.85 12.99
C ARG C 57 -7.02 -8.07 12.24
N SER C 58 -8.22 -8.00 11.67
CA SER C 58 -8.83 -9.09 10.90
C SER C 58 -8.14 -9.24 9.54
N GLY C 59 -7.26 -8.32 9.15
CA GLY C 59 -6.46 -8.45 7.93
C GLY C 59 -6.78 -7.51 6.78
N GLU C 60 -7.68 -6.54 6.95
CA GLU C 60 -7.98 -5.55 5.89
C GLU C 60 -6.97 -4.39 5.98
N ARG C 61 -6.53 -3.88 4.83
CA ARG C 61 -5.60 -2.73 4.82
C ARG C 61 -6.35 -1.49 5.30
N PHE C 62 -5.72 -0.66 6.12
CA PHE C 62 -6.35 0.52 6.71
C PHE C 62 -7.09 1.37 5.66
N LEU C 63 -6.46 1.68 4.53
CA LEU C 63 -7.09 2.62 3.56
C LEU C 63 -8.31 1.94 2.92
N LYS C 64 -8.33 0.61 2.82
CA LYS C 64 -9.53 -0.10 2.30
C LYS C 64 -10.66 0.05 3.33
N ILE C 65 -10.36 -0.18 4.59
CA ILE C 65 -11.36 0.00 5.68
C ILE C 65 -11.80 1.45 5.67
N TRP C 66 -10.85 2.37 5.55
CA TRP C 66 -11.14 3.82 5.58
C TRP C 66 -12.02 4.22 4.40
N SER C 67 -11.81 3.69 3.19
CA SER C 67 -12.67 4.03 2.04
C SER C 67 -14.13 3.68 2.36
N GLN C 68 -14.36 2.59 3.06
CA GLN C 68 -15.73 2.20 3.43
C GLN C 68 -16.28 3.09 4.52
N THR C 69 -15.41 3.54 5.37
CA THR C 69 -15.83 4.27 6.54
C THR C 69 -16.23 5.68 6.16
N VAL C 70 -15.57 6.20 5.14
CA VAL C 70 -15.82 7.58 4.73
C VAL C 70 -17.28 7.75 4.44
N GLU C 71 -17.83 6.78 3.77
CA GLU C 71 -19.21 6.95 3.33
C GLU C 71 -20.21 6.90 4.52
N GLU C 72 -19.92 6.13 5.56
CA GLU C 72 -20.72 6.11 6.77
C GLU C 72 -20.64 7.42 7.51
N ILE C 73 -19.45 8.04 7.53
CA ILE C 73 -19.30 9.32 8.20
C ILE C 73 -20.14 10.37 7.48
N VAL C 74 -20.13 10.36 6.13
CA VAL C 74 -20.85 11.41 5.42
C VAL C 74 -22.34 11.21 5.67
N SER C 75 -22.77 9.94 5.74
CA SER C 75 -24.19 9.67 6.00
C SER C 75 -24.59 10.10 7.40
N TYR C 76 -23.75 9.88 8.40
CA TYR C 76 -24.03 10.29 9.80
C TYR C 76 -24.19 11.81 9.85
N VAL C 77 -23.29 12.54 9.21
CA VAL C 77 -23.28 14.03 9.28
C VAL C 77 -24.47 14.62 8.52
N THR C 78 -24.90 13.98 7.43
CA THR C 78 -26.10 14.42 6.67
C THR C 78 -27.31 14.30 7.59
N VAL C 79 -27.33 13.28 8.46
CA VAL C 79 -28.47 13.02 9.37
C VAL C 79 -28.42 13.96 10.57
N ASN C 80 -27.23 14.19 11.14
CA ASN C 80 -27.10 14.95 12.40
C ASN C 80 -26.69 16.41 12.21
N PHE C 81 -26.32 16.85 11.01
CA PHE C 81 -25.98 18.25 10.68
C PHE C 81 -26.55 18.54 9.29
N PRO C 82 -27.88 18.60 9.11
CA PRO C 82 -28.50 18.70 7.77
C PRO C 82 -28.32 20.02 6.99
N ASN C 83 -27.50 20.93 7.50
CA ASN C 83 -27.29 22.26 6.87
C ASN C 83 -26.38 22.18 5.66
N PRO D 37 -20.52 19.50 -2.19
CA PRO D 37 -20.63 19.92 -0.79
C PRO D 37 -20.24 18.67 0.01
N ASN D 38 -21.01 17.60 -0.15
CA ASN D 38 -20.58 16.34 0.40
C ASN D 38 -19.38 15.82 -0.36
N LEU D 39 -19.05 16.41 -1.55
CA LEU D 39 -17.90 15.98 -2.34
C LEU D 39 -16.59 16.51 -1.78
N LEU D 40 -16.60 17.78 -1.36
CA LEU D 40 -15.42 18.37 -0.68
C LEU D 40 -15.25 17.69 0.68
N PHE D 41 -16.35 17.33 1.34
CA PHE D 41 -16.28 16.61 2.64
C PHE D 41 -15.70 15.21 2.40
N GLN D 42 -16.10 14.54 1.33
CA GLN D 42 -15.52 13.24 1.03
C GLN D 42 -14.03 13.36 0.71
N SER D 43 -13.65 14.36 -0.07
CA SER D 43 -12.21 14.53 -0.42
CA SER D 43 -12.21 14.55 -0.42
C SER D 43 -11.41 14.91 0.85
N TYR D 44 -12.01 15.70 1.74
CA TYR D 44 -11.41 16.04 3.04
C TYR D 44 -11.18 14.77 3.85
N LEU D 45 -12.21 13.93 3.98
CA LEU D 45 -12.13 12.71 4.78
C LEU D 45 -11.18 11.69 4.14
N ASP D 46 -11.17 11.57 2.80
CA ASP D 46 -10.20 10.65 2.20
C ASP D 46 -8.79 11.09 2.55
N ASN D 47 -8.55 12.39 2.49
CA ASN D 47 -7.21 12.95 2.83
C ASN D 47 -6.89 12.67 4.30
N VAL D 48 -7.87 12.78 5.20
CA VAL D 48 -7.66 12.51 6.64
C VAL D 48 -7.08 11.10 6.80
N GLY D 49 -7.63 10.14 6.06
CA GLY D 49 -7.15 8.76 6.23
C GLY D 49 -5.72 8.58 5.71
N VAL D 50 -5.37 9.32 4.67
CA VAL D 50 -4.04 9.26 4.09
C VAL D 50 -3.06 9.82 5.08
N GLN D 51 -3.46 10.83 5.82
CA GLN D 51 -2.55 11.40 6.78
C GLN D 51 -2.42 10.53 8.02
N ILE D 52 -3.54 9.92 8.45
CA ILE D 52 -3.49 8.99 9.57
C ILE D 52 -2.54 7.82 9.27
N VAL D 53 -2.69 7.18 8.11
CA VAL D 53 -1.89 5.96 7.77
C VAL D 53 -0.40 6.34 7.74
N ARG D 54 -0.10 7.57 7.36
CA ARG D 54 1.30 8.07 7.29
C ARG D 54 1.88 8.07 8.72
N GLN D 55 1.10 8.49 9.70
CA GLN D 55 1.54 8.49 11.10
C GLN D 55 1.69 7.05 11.62
N MET D 56 0.79 6.17 11.19
CA MET D 56 0.81 4.75 11.63
C MET D 56 2.07 4.06 11.09
N ARG D 57 2.42 4.31 9.82
CA ARG D 57 3.62 3.72 9.18
C ARG D 57 4.85 4.28 9.88
N SER D 58 4.70 5.37 10.62
CA SER D 58 5.80 5.98 11.40
C SER D 58 5.87 5.29 12.77
N GLY D 59 4.88 4.49 13.13
CA GLY D 59 4.90 3.75 14.41
C GLY D 59 3.86 4.23 15.40
N GLU D 60 3.05 5.20 15.00
CA GLU D 60 2.03 5.76 15.91
C GLU D 60 0.87 4.77 16.04
N ARG D 61 0.37 4.57 17.25
CA ARG D 61 -0.83 3.73 17.50
C ARG D 61 -2.06 4.49 17.01
N PHE D 62 -2.92 3.85 16.23
CA PHE D 62 -4.11 4.49 15.63
C PHE D 62 -4.97 5.16 16.70
N LEU D 63 -5.28 4.49 17.79
CA LEU D 63 -6.21 5.07 18.79
C LEU D 63 -5.59 6.29 19.48
N LYS D 64 -4.26 6.42 19.51
CA LYS D 64 -3.60 7.64 20.06
C LYS D 64 -3.77 8.79 19.06
N ILE D 65 -3.62 8.51 17.78
CA ILE D 65 -3.80 9.52 16.71
C ILE D 65 -5.28 9.87 16.60
N TRP D 66 -6.17 8.93 16.90
CA TRP D 66 -7.55 9.09 16.49
C TRP D 66 -8.28 10.17 17.29
N SER D 67 -8.05 10.24 18.60
CA SER D 67 -8.75 11.27 19.38
C SER D 67 -8.47 12.65 18.83
N GLN D 68 -7.29 12.90 18.28
CA GLN D 68 -6.96 14.25 17.77
C GLN D 68 -7.67 14.44 16.42
N THR D 69 -7.74 13.38 15.62
CA THR D 69 -8.43 13.40 14.31
C THR D 69 -9.92 13.66 14.55
N VAL D 70 -10.49 13.05 15.56
CA VAL D 70 -11.93 13.22 15.89
C VAL D 70 -12.19 14.72 16.05
N GLU D 71 -11.30 15.41 16.77
CA GLU D 71 -11.50 16.86 17.04
C GLU D 71 -11.48 17.64 15.72
N GLU D 72 -10.62 17.28 14.79
CA GLU D 72 -10.51 17.97 13.48
C GLU D 72 -11.79 17.76 12.67
N ILE D 73 -12.28 16.52 12.61
CA ILE D 73 -13.52 16.21 11.84
C ILE D 73 -14.69 16.96 12.47
N VAL D 74 -14.76 16.97 13.79
CA VAL D 74 -15.83 17.70 14.53
C VAL D 74 -15.74 19.17 14.12
N SER D 75 -14.51 19.72 14.02
CA SER D 75 -14.28 21.14 13.65
C SER D 75 -14.68 21.39 12.19
N TYR D 76 -14.33 20.50 11.27
CA TYR D 76 -14.70 20.64 9.84
C TYR D 76 -16.21 20.82 9.73
N VAL D 77 -16.96 19.98 10.43
CA VAL D 77 -18.45 20.00 10.36
C VAL D 77 -18.98 21.29 10.99
N THR D 78 -18.41 21.72 12.11
CA THR D 78 -18.85 22.95 12.81
C THR D 78 -18.74 24.16 11.87
N VAL D 79 -17.66 24.23 11.09
CA VAL D 79 -17.38 25.41 10.21
C VAL D 79 -18.01 25.25 8.82
N ASN D 80 -18.03 24.04 8.26
CA ASN D 80 -18.46 23.83 6.86
C ASN D 80 -19.92 23.40 6.77
N PHE D 81 -20.54 22.98 7.87
CA PHE D 81 -21.97 22.59 7.92
C PHE D 81 -22.61 23.34 9.09
N PRO D 82 -22.58 24.68 9.07
CA PRO D 82 -23.14 25.48 10.15
C PRO D 82 -24.59 25.08 10.49
N ASN D 83 -24.93 24.93 11.77
CA ASN D 83 -26.29 24.52 12.25
C ASN D 83 -26.44 23.00 12.13
N ASP E 36 26.31 -17.77 -13.70
CA ASP E 36 25.57 -16.53 -13.45
C ASP E 36 24.89 -16.57 -12.09
N PRO E 37 25.44 -15.87 -11.07
CA PRO E 37 24.94 -15.99 -9.70
C PRO E 37 23.44 -15.70 -9.55
N ASN E 38 22.91 -14.75 -10.31
CA ASN E 38 21.49 -14.37 -10.21
C ASN E 38 20.67 -15.58 -10.64
N LEU E 39 21.18 -16.35 -11.61
CA LEU E 39 20.49 -17.55 -12.12
C LEU E 39 20.56 -18.66 -11.07
N LEU E 40 21.71 -18.84 -10.45
CA LEU E 40 21.86 -19.84 -9.37
C LEU E 40 20.94 -19.46 -8.23
N PHE E 41 20.79 -18.17 -7.96
CA PHE E 41 19.94 -17.65 -6.86
C PHE E 41 18.49 -17.91 -7.23
N GLN E 42 18.15 -17.66 -8.47
CA GLN E 42 16.77 -17.92 -8.97
C GLN E 42 16.50 -19.41 -8.80
N SER E 43 17.44 -20.27 -9.19
CA SER E 43 17.31 -21.73 -9.05
C SER E 43 17.13 -22.11 -7.58
N TYR E 44 17.91 -21.51 -6.70
CA TYR E 44 17.85 -21.76 -5.25
C TYR E 44 16.45 -21.40 -4.74
N LEU E 45 15.93 -20.25 -5.14
CA LEU E 45 14.61 -19.76 -4.69
C LEU E 45 13.51 -20.72 -5.16
N ASP E 46 13.57 -21.19 -6.40
CA ASP E 46 12.55 -22.13 -6.92
C ASP E 46 12.57 -23.38 -6.04
N ASN E 47 13.76 -23.86 -5.71
CA ASN E 47 13.88 -25.07 -4.87
C ASN E 47 13.35 -24.79 -3.47
N VAL E 48 13.64 -23.61 -2.92
CA VAL E 48 13.15 -23.22 -1.58
C VAL E 48 11.64 -23.36 -1.61
N GLY E 49 11.02 -22.97 -2.71
CA GLY E 49 9.58 -23.01 -2.77
C GLY E 49 9.03 -24.44 -2.76
N VAL E 50 9.73 -25.35 -3.38
CA VAL E 50 9.27 -26.72 -3.43
C VAL E 50 9.38 -27.31 -2.04
N GLN E 51 10.45 -26.97 -1.33
CA GLN E 51 10.64 -27.43 0.03
C GLN E 51 9.69 -26.78 0.98
N ILE E 52 9.13 -25.62 0.68
CA ILE E 52 8.09 -25.01 1.56
C ILE E 52 6.81 -25.84 1.41
N VAL E 53 6.39 -26.16 0.19
CA VAL E 53 5.24 -27.01 -0.06
C VAL E 53 5.42 -28.35 0.63
N ARG E 54 6.62 -28.94 0.54
CA ARG E 54 6.90 -30.20 1.25
C ARG E 54 6.59 -30.03 2.73
N GLN E 55 7.13 -28.98 3.35
CA GLN E 55 6.97 -28.79 4.80
C GLN E 55 5.54 -28.51 5.20
N MET E 56 4.77 -27.95 4.28
CA MET E 56 3.34 -27.64 4.55
C MET E 56 2.53 -28.93 4.60
N ARG E 57 3.07 -30.09 4.20
CA ARG E 57 2.40 -31.38 4.39
C ARG E 57 2.27 -31.74 5.88
N SER E 58 3.20 -31.30 6.71
CA SER E 58 3.02 -31.46 8.12
C SER E 58 1.78 -30.74 8.64
N GLY E 59 1.14 -29.89 7.83
CA GLY E 59 0.16 -29.02 8.39
C GLY E 59 0.74 -27.77 9.02
N GLU E 60 2.06 -27.60 9.00
CA GLU E 60 2.71 -26.36 9.47
C GLU E 60 2.20 -25.19 8.61
N ARG E 61 1.86 -24.06 9.23
CA ARG E 61 1.38 -22.85 8.52
C ARG E 61 2.54 -22.17 7.80
N PHE E 62 2.24 -21.53 6.67
CA PHE E 62 3.29 -20.94 5.79
C PHE E 62 4.13 -19.94 6.58
N LEU E 63 3.54 -19.04 7.37
CA LEU E 63 4.34 -17.98 8.06
C LEU E 63 5.32 -18.59 9.05
N LYS E 64 5.03 -19.70 9.73
CA LYS E 64 5.99 -20.38 10.63
C LYS E 64 7.16 -20.86 9.77
N ILE E 65 6.87 -21.59 8.70
CA ILE E 65 7.90 -22.07 7.73
C ILE E 65 8.66 -20.86 7.18
N TRP E 66 7.97 -19.78 6.83
CA TRP E 66 8.60 -18.61 6.20
C TRP E 66 9.58 -17.95 7.17
N SER E 67 9.17 -17.73 8.42
CA SER E 67 10.03 -17.07 9.42
C SER E 67 11.34 -17.82 9.52
N GLN E 68 11.31 -19.15 9.40
CA GLN E 68 12.52 -19.99 9.50
C GLN E 68 13.32 -19.89 8.21
N THR E 69 12.65 -19.62 7.08
CA THR E 69 13.27 -19.61 5.76
C THR E 69 13.92 -18.27 5.41
N VAL E 70 13.36 -17.18 5.92
CA VAL E 70 13.93 -15.87 5.66
C VAL E 70 15.39 -15.86 6.01
N GLU E 71 15.75 -16.55 7.07
CA GLU E 71 17.13 -16.50 7.51
C GLU E 71 18.04 -17.28 6.56
N GLU E 72 17.63 -18.45 6.06
CA GLU E 72 18.54 -19.09 5.13
C GLU E 72 18.75 -18.21 3.91
N ILE E 73 17.66 -17.61 3.43
CA ILE E 73 17.81 -16.76 2.25
C ILE E 73 18.74 -15.60 2.55
N VAL E 74 18.48 -14.87 3.61
CA VAL E 74 19.46 -13.85 3.93
C VAL E 74 20.86 -14.42 3.90
N SER E 75 21.08 -15.62 4.46
CA SER E 75 22.46 -16.10 4.54
C SER E 75 22.99 -16.44 3.16
N TYR E 76 22.16 -17.01 2.30
CA TYR E 76 22.64 -17.27 0.95
C TYR E 76 23.17 -16.00 0.28
N VAL E 77 22.42 -14.91 0.36
CA VAL E 77 22.85 -13.70 -0.30
C VAL E 77 24.10 -13.15 0.35
N THR E 78 24.17 -13.21 1.68
CA THR E 78 25.34 -12.67 2.38
C THR E 78 26.62 -13.25 1.79
N VAL E 79 26.66 -14.58 1.62
CA VAL E 79 27.89 -15.24 1.19
C VAL E 79 28.08 -15.32 -0.33
N ASN E 80 27.02 -15.17 -1.11
CA ASN E 80 27.12 -15.30 -2.55
C ASN E 80 27.11 -14.01 -3.34
N PHE E 81 26.90 -12.88 -2.68
CA PHE E 81 26.92 -11.59 -3.34
C PHE E 81 27.86 -10.67 -2.59
N PRO E 82 28.46 -9.71 -3.28
CA PRO E 82 29.31 -8.74 -2.61
C PRO E 82 28.47 -7.78 -1.79
N ASN E 83 29.03 -7.33 -0.67
CA ASN E 83 28.44 -6.23 0.07
C ASN E 83 28.17 -5.11 -0.93
N PRO E 84 27.13 -4.29 -0.73
CA PRO E 84 26.47 -3.38 -1.67
C PRO E 84 27.29 -3.00 -2.90
N ASP F 36 22.32 -0.79 6.82
CA ASP F 36 22.58 -2.22 6.75
C ASP F 36 21.75 -2.93 5.69
N PRO F 37 22.35 -3.23 4.55
CA PRO F 37 21.56 -3.77 3.42
C PRO F 37 21.09 -5.20 3.61
N ASN F 38 21.72 -5.99 4.49
CA ASN F 38 21.21 -7.31 4.83
C ASN F 38 19.99 -7.21 5.76
N LEU F 39 19.99 -6.24 6.67
CA LEU F 39 18.81 -6.00 7.49
C LEU F 39 17.64 -5.46 6.66
N LEU F 40 17.92 -4.60 5.69
CA LEU F 40 16.88 -4.09 4.77
C LEU F 40 16.33 -5.26 3.95
N PHE F 41 17.18 -6.16 3.47
CA PHE F 41 16.72 -7.32 2.71
C PHE F 41 15.88 -8.22 3.60
N GLN F 42 16.36 -8.45 4.83
CA GLN F 42 15.62 -9.27 5.79
C GLN F 42 14.25 -8.69 6.07
N SER F 43 14.15 -7.37 6.16
CA SER F 43 12.84 -6.77 6.38
C SER F 43 11.97 -6.81 5.13
N TYR F 44 12.59 -6.64 3.96
CA TYR F 44 11.92 -6.89 2.69
C TYR F 44 11.28 -8.29 2.67
N LEU F 45 12.08 -9.31 2.92
CA LEU F 45 11.60 -10.69 2.90
C LEU F 45 10.49 -10.90 3.93
N ASP F 46 10.65 -10.30 5.11
CA ASP F 46 9.58 -10.35 6.10
C ASP F 46 8.24 -9.92 5.51
N ASN F 47 8.20 -8.76 4.89
CA ASN F 47 7.00 -8.29 4.21
C ASN F 47 6.64 -9.12 2.97
N VAL F 48 7.59 -9.72 2.27
CA VAL F 48 7.13 -10.60 1.19
C VAL F 48 6.27 -11.73 1.75
N GLY F 49 6.65 -12.23 2.93
CA GLY F 49 5.89 -13.30 3.60
C GLY F 49 4.44 -12.94 3.86
N VAL F 50 4.17 -11.73 4.32
CA VAL F 50 2.79 -11.25 4.63
C VAL F 50 1.99 -11.10 3.35
N GLN F 51 2.63 -10.62 2.27
CA GLN F 51 1.97 -10.45 0.96
C GLN F 51 1.54 -11.83 0.45
N ILE F 52 2.37 -12.84 0.64
CA ILE F 52 2.08 -14.24 0.20
C ILE F 52 0.87 -14.78 0.97
N VAL F 53 0.89 -14.77 2.30
CA VAL F 53 -0.27 -15.23 3.13
C VAL F 53 -1.54 -14.51 2.67
N ARG F 54 -1.46 -13.21 2.44
CA ARG F 54 -2.63 -12.40 2.02
C ARG F 54 -3.18 -12.94 0.69
N GLN F 55 -2.32 -13.25 -0.27
CA GLN F 55 -2.76 -13.83 -1.55
C GLN F 55 -3.34 -15.24 -1.33
N MET F 56 -2.72 -16.06 -0.48
CA MET F 56 -3.16 -17.46 -0.24
C MET F 56 -4.55 -17.45 0.41
N ARG F 57 -4.85 -16.42 1.21
CA ARG F 57 -6.16 -16.28 1.89
C ARG F 57 -7.14 -15.75 0.84
N SER F 58 -6.64 -15.13 -0.23
CA SER F 58 -7.48 -14.68 -1.36
C SER F 58 -7.79 -15.88 -2.27
N GLY F 59 -7.28 -17.07 -1.95
CA GLY F 59 -7.62 -18.29 -2.72
C GLY F 59 -6.48 -18.85 -3.53
N GLU F 60 -5.55 -18.02 -4.00
CA GLU F 60 -4.42 -18.46 -4.87
C GLU F 60 -3.58 -19.50 -4.10
N ARG F 61 -2.94 -20.43 -4.81
CA ARG F 61 -2.14 -21.50 -4.16
C ARG F 61 -0.68 -21.02 -4.07
N PHE F 62 0.04 -21.44 -3.03
CA PHE F 62 1.43 -20.96 -2.78
C PHE F 62 2.30 -21.09 -4.02
N LEU F 63 2.36 -22.25 -4.66
CA LEU F 63 3.32 -22.49 -5.77
C LEU F 63 3.10 -21.46 -6.89
N LYS F 64 1.87 -21.10 -7.19
CA LYS F 64 1.60 -20.07 -8.22
C LYS F 64 2.08 -18.70 -7.71
N ILE F 65 1.82 -18.38 -6.45
CA ILE F 65 2.30 -17.10 -5.88
CA ILE F 65 2.30 -17.10 -5.86
C ILE F 65 3.84 -17.09 -5.87
N TRP F 66 4.44 -18.18 -5.45
CA TRP F 66 5.91 -18.30 -5.32
C TRP F 66 6.57 -18.07 -6.68
N SER F 67 6.05 -18.63 -7.76
CA SER F 67 6.63 -18.53 -9.12
C SER F 67 6.82 -17.06 -9.52
N GLN F 68 5.84 -16.21 -9.24
CA GLN F 68 5.92 -14.76 -9.58
C GLN F 68 6.79 -14.04 -8.55
N THR F 69 6.77 -14.48 -7.30
CA THR F 69 7.51 -13.81 -6.21
C THR F 69 9.02 -13.99 -6.41
N VAL F 70 9.47 -15.14 -6.91
CA VAL F 70 10.92 -15.45 -7.06
C VAL F 70 11.60 -14.34 -7.88
N GLU F 71 10.99 -13.96 -9.00
CA GLU F 71 11.58 -12.95 -9.91
C GLU F 71 11.76 -11.64 -9.16
N GLU F 72 10.85 -11.32 -8.25
CA GLU F 72 10.88 -10.05 -7.48
C GLU F 72 12.06 -10.08 -6.50
N ILE F 73 12.26 -11.19 -5.79
CA ILE F 73 13.39 -11.30 -4.82
C ILE F 73 14.70 -11.25 -5.61
N VAL F 74 14.75 -11.92 -6.75
CA VAL F 74 15.94 -11.87 -7.65
C VAL F 74 16.11 -10.44 -8.15
N SER F 75 15.13 -9.79 -8.49
N SER F 75 15.13 -9.79 -8.49
CA SER F 75 15.27 -8.37 -8.93
CA SER F 75 15.27 -8.37 -8.93
C SER F 75 15.81 -7.52 -7.78
C SER F 75 15.79 -7.52 -7.78
N TYR F 76 15.36 -7.73 -6.53
CA TYR F 76 15.78 -6.92 -5.37
C TYR F 76 17.28 -7.07 -5.14
N VAL F 77 17.76 -8.32 -5.15
CA VAL F 77 19.18 -8.58 -4.91
C VAL F 77 20.02 -8.09 -6.08
N THR F 78 19.51 -8.24 -7.30
CA THR F 78 20.22 -7.74 -8.48
C THR F 78 20.46 -6.22 -8.46
N VAL F 79 19.51 -5.42 -7.98
CA VAL F 79 19.64 -3.93 -7.94
C VAL F 79 20.32 -3.44 -6.65
N ASN F 80 20.24 -4.19 -5.55
CA ASN F 80 20.75 -3.71 -4.24
C ASN F 80 22.09 -4.37 -3.91
N PHE F 81 22.40 -5.54 -4.49
CA PHE F 81 23.66 -6.25 -4.27
C PHE F 81 24.31 -6.50 -5.62
N PRO F 82 24.54 -5.47 -6.40
CA PRO F 82 25.26 -5.64 -7.66
C PRO F 82 26.71 -6.05 -7.36
#